data_4ECM
#
_entry.id   4ECM
#
_cell.length_a   135.072
_cell.length_b   135.072
_cell.length_c   85.138
_cell.angle_alpha   90.00
_cell.angle_beta   90.00
_cell.angle_gamma   120.00
#
_symmetry.space_group_name_H-M   'P 6 2 2'
#
loop_
_entity.id
_entity.type
_entity.pdbx_description
1 polymer 'Glucose-1-phosphate thymidylyltransferase'
2 non-polymer "2'DEOXY-THYMIDINE-5'-DIPHOSPHO-ALPHA-D-GLUCOSE"
3 non-polymer 'PYROPHOSPHATE 2-'
4 water water
#
_entity_poly.entity_id   1
_entity_poly.type   'polypeptide(L)'
_entity_poly.pdbx_seq_one_letter_code
;MHHHHHHSSGVDLGTENLYFQSNAMKGIILAGGTGSRLYPITKVTNKHLLPVGRYPMIYHAVYKLKQCDITDIMIITGKE
HMGDVVSFLGSGQEFGVSFTYRVQDKAGGIAQALGLCEDFVGNDRMVVILGDNIFSDDIRPYVEEFTNQKEGAKVLLQSV
DDPERFGVANIQNRKIIEIEEKPKEPKSSYAVTGIYLYDSKVFSYIKELKPSARGELEITDINNWYLKRGVLTYNEMSGW
WTDAGTHVSLQRANALARDINFGKQFNGE
;
_entity_poly.pdbx_strand_id   A
#
loop_
_chem_comp.id
_chem_comp.type
_chem_comp.name
_chem_comp.formula
DAU non-polymer 2'DEOXY-THYMIDINE-5'-DIPHOSPHO-ALPHA-D-GLUCOSE 'C16 H26 N2 O16 P2'
POP non-polymer 'PYROPHOSPHATE 2-' 'H2 O7 P2 -2'
#
# COMPACT_ATOMS: atom_id res chain seq x y z
N PHE A 20 -17.10 4.35 16.73
CA PHE A 20 -16.34 3.20 17.28
C PHE A 20 -17.26 1.99 17.44
N ALA A 24 -9.52 -4.80 16.61
CA ALA A 24 -10.24 -5.12 15.39
C ALA A 24 -9.64 -4.40 14.17
N MET A 25 -8.36 -4.69 13.88
CA MET A 25 -7.68 -4.06 12.75
C MET A 25 -7.07 -5.12 11.83
N LYS A 26 -7.53 -5.14 10.57
CA LYS A 26 -7.04 -6.11 9.59
C LYS A 26 -5.97 -5.48 8.73
N GLY A 27 -5.16 -6.33 8.10
CA GLY A 27 -4.11 -5.91 7.17
C GLY A 27 -4.39 -6.40 5.75
N ILE A 28 -4.04 -5.57 4.76
CA ILE A 28 -4.22 -5.89 3.35
C ILE A 28 -2.97 -5.51 2.58
N ILE A 29 -2.38 -6.46 1.84
CA ILE A 29 -1.22 -6.17 1.01
C ILE A 29 -1.67 -6.41 -0.43
N LEU A 30 -1.60 -5.37 -1.25
CA LEU A 30 -2.00 -5.46 -2.64
C LEU A 30 -0.75 -5.75 -3.44
N ALA A 31 -0.66 -6.97 -3.97
CA ALA A 31 0.52 -7.42 -4.66
C ALA A 31 0.25 -7.87 -6.08
N GLY A 32 -0.76 -7.27 -6.72
CA GLY A 32 -1.14 -7.61 -8.09
C GLY A 32 -0.38 -6.78 -9.12
N GLY A 33 -1.03 -6.50 -10.24
CA GLY A 33 -0.40 -5.74 -11.32
C GLY A 33 0.38 -6.61 -12.29
N THR A 34 0.72 -6.04 -13.44
CA THR A 34 1.42 -6.77 -14.50
C THR A 34 2.94 -6.77 -14.35
N GLY A 35 3.50 -5.73 -13.73
CA GLY A 35 4.96 -5.61 -13.60
C GLY A 35 5.62 -5.22 -14.92
N SER A 36 4.81 -4.75 -15.88
CA SER A 36 5.29 -4.41 -17.22
C SER A 36 6.45 -3.42 -17.21
N ARG A 37 6.41 -2.42 -16.34
CA ARG A 37 7.50 -1.44 -16.26
C ARG A 37 8.88 -2.07 -15.99
N LEU A 38 8.89 -3.19 -15.25
CA LEU A 38 10.13 -3.86 -14.91
C LEU A 38 10.49 -5.02 -15.87
N TYR A 39 9.68 -5.23 -16.90
CA TYR A 39 9.94 -6.34 -17.83
C TYR A 39 11.34 -6.17 -18.45
N PRO A 40 12.11 -7.27 -18.60
CA PRO A 40 11.86 -8.68 -18.34
C PRO A 40 12.20 -9.27 -16.96
N ILE A 41 12.67 -8.49 -15.99
CA ILE A 41 13.00 -9.12 -14.69
C ILE A 41 11.75 -9.64 -14.00
N THR A 42 10.58 -9.27 -14.53
CA THR A 42 9.26 -9.71 -14.02
C THR A 42 8.54 -10.65 -15.00
N LYS A 43 9.29 -11.20 -15.94
CA LYS A 43 8.72 -12.11 -16.95
C LYS A 43 8.13 -13.35 -16.32
N VAL A 44 8.83 -13.90 -15.36
CA VAL A 44 8.42 -15.11 -14.69
C VAL A 44 7.93 -14.89 -13.27
N THR A 45 8.69 -14.10 -12.53
N THR A 45 8.54 -13.98 -12.52
CA THR A 45 8.52 -13.95 -11.08
CA THR A 45 8.06 -13.76 -11.16
C THR A 45 7.26 -13.30 -10.51
C THR A 45 7.48 -12.37 -10.93
N ASN A 46 7.25 -11.98 -10.51
N ASN A 46 6.52 -12.32 -10.02
CA ASN A 46 6.20 -11.16 -9.89
CA ASN A 46 5.85 -11.08 -9.62
C ASN A 46 7.00 -10.12 -9.11
C ASN A 46 6.84 -10.11 -8.98
N LYS A 47 6.72 -8.84 -9.36
CA LYS A 47 7.52 -7.76 -8.79
C LYS A 47 7.75 -7.84 -7.29
N HIS A 48 6.71 -8.20 -6.55
CA HIS A 48 6.74 -8.23 -5.11
C HIS A 48 7.53 -9.37 -4.52
N LEU A 49 8.10 -10.23 -5.36
CA LEU A 49 8.95 -11.30 -4.90
C LEU A 49 10.40 -11.01 -5.30
N LEU A 50 10.64 -9.85 -5.93
CA LEU A 50 12.00 -9.44 -6.27
C LEU A 50 12.72 -8.93 -5.02
N PRO A 51 14.04 -9.05 -4.99
CA PRO A 51 14.76 -8.60 -3.81
C PRO A 51 14.70 -7.10 -3.55
N VAL A 52 14.56 -6.76 -2.28
CA VAL A 52 14.68 -5.39 -1.77
C VAL A 52 15.53 -5.57 -0.50
N GLY A 53 16.84 -5.39 -0.65
CA GLY A 53 17.74 -5.67 0.47
C GLY A 53 17.91 -7.18 0.47
N ARG A 54 17.90 -7.78 1.66
N ARG A 54 17.87 -7.79 1.64
CA ARG A 54 18.10 -9.23 1.77
CA ARG A 54 18.07 -9.22 1.72
C ARG A 54 16.79 -10.00 1.89
C ARG A 54 16.78 -9.99 1.90
N TYR A 55 15.67 -9.38 1.53
CA TYR A 55 14.38 -10.04 1.58
C TYR A 55 13.61 -9.76 0.29
N PRO A 56 12.66 -10.64 -0.04
CA PRO A 56 11.75 -10.37 -1.15
C PRO A 56 10.95 -9.13 -0.78
N MET A 57 10.64 -8.30 -1.77
CA MET A 57 9.94 -7.04 -1.54
C MET A 57 8.73 -7.16 -0.62
N ILE A 58 7.93 -8.20 -0.78
CA ILE A 58 6.69 -8.33 -0.01
C ILE A 58 6.90 -8.55 1.48
N TYR A 59 8.07 -9.07 1.87
CA TYR A 59 8.34 -9.29 3.30
C TYR A 59 8.29 -7.99 4.08
N HIS A 60 8.67 -6.89 3.44
CA HIS A 60 8.69 -5.59 4.11
C HIS A 60 7.29 -5.19 4.59
N ALA A 61 6.30 -5.39 3.73
CA ALA A 61 4.92 -5.04 4.05
C ALA A 61 4.38 -5.93 5.18
N VAL A 62 4.73 -7.21 5.12
CA VAL A 62 4.32 -8.16 6.15
C VAL A 62 4.91 -7.73 7.52
N TYR A 63 6.19 -7.41 7.54
CA TYR A 63 6.85 -7.02 8.78
C TYR A 63 6.24 -5.71 9.32
N LYS A 64 5.93 -4.74 8.44
CA LYS A 64 5.31 -3.49 8.89
C LYS A 64 4.02 -3.75 9.65
N LEU A 65 3.18 -4.63 9.10
CA LEU A 65 1.91 -4.97 9.72
C LEU A 65 2.13 -5.77 11.01
N LYS A 66 3.00 -6.75 10.95
CA LYS A 66 3.26 -7.56 12.13
C LYS A 66 3.73 -6.70 13.31
N GLN A 67 4.65 -5.78 13.04
CA GLN A 67 5.16 -4.87 14.07
C GLN A 67 4.07 -4.08 14.75
N CYS A 68 2.95 -3.87 14.07
N CYS A 68 2.96 -3.86 14.05
CA CYS A 68 1.84 -3.17 14.65
CA CYS A 68 1.78 -3.16 14.59
C CYS A 68 0.80 -4.15 15.27
C CYS A 68 0.79 -4.14 15.26
N ASP A 69 1.18 -5.41 15.41
CA ASP A 69 0.28 -6.43 15.96
C ASP A 69 -0.96 -6.66 15.06
N ILE A 70 -0.80 -6.38 13.76
CA ILE A 70 -1.84 -6.63 12.80
C ILE A 70 -1.42 -7.96 12.20
N THR A 71 -2.11 -9.03 12.62
CA THR A 71 -1.77 -10.39 12.23
C THR A 71 -2.74 -11.08 11.27
N ASP A 72 -3.96 -10.55 11.11
CA ASP A 72 -4.94 -11.08 10.15
C ASP A 72 -4.73 -10.28 8.88
N ILE A 73 -4.09 -10.90 7.89
CA ILE A 73 -3.69 -10.19 6.68
C ILE A 73 -4.17 -10.88 5.41
N MET A 74 -4.76 -10.10 4.52
CA MET A 74 -5.18 -10.62 3.23
C MET A 74 -4.18 -10.18 2.16
N ILE A 75 -3.83 -11.12 1.29
CA ILE A 75 -2.88 -10.88 0.21
C ILE A 75 -3.62 -11.02 -1.12
N ILE A 76 -3.54 -9.98 -1.95
CA ILE A 76 -4.16 -10.00 -3.28
C ILE A 76 -3.08 -10.04 -4.36
N THR A 77 -3.20 -10.97 -5.31
CA THR A 77 -2.27 -11.02 -6.43
C THR A 77 -2.94 -11.69 -7.62
N GLY A 78 -2.23 -11.76 -8.73
CA GLY A 78 -2.75 -12.39 -9.96
C GLY A 78 -2.77 -13.91 -9.88
N LYS A 79 -3.59 -14.52 -10.71
CA LYS A 79 -3.73 -15.96 -10.76
C LYS A 79 -2.40 -16.68 -11.00
N GLU A 80 -1.66 -16.23 -12.00
N GLU A 80 -1.66 -16.30 -12.04
CA GLU A 80 -0.37 -16.81 -12.35
CA GLU A 80 -0.43 -17.02 -12.38
C GLU A 80 0.66 -16.67 -11.23
C GLU A 80 0.78 -16.63 -11.52
N HIS A 81 0.67 -15.52 -10.57
N HIS A 81 0.59 -15.76 -10.53
CA HIS A 81 1.65 -15.23 -9.53
CA HIS A 81 1.67 -15.43 -9.63
C HIS A 81 1.41 -15.88 -8.17
C HIS A 81 1.40 -15.86 -8.19
N MET A 82 0.19 -16.35 -7.92
CA MET A 82 -0.18 -16.83 -6.58
C MET A 82 0.67 -17.99 -6.09
N GLY A 83 1.05 -18.89 -6.96
CA GLY A 83 1.88 -20.03 -6.58
C GLY A 83 3.15 -19.60 -5.88
N ASP A 84 3.87 -18.69 -6.50
CA ASP A 84 5.14 -18.20 -5.96
C ASP A 84 4.96 -17.37 -4.71
N VAL A 85 3.92 -16.55 -4.69
CA VAL A 85 3.66 -15.73 -3.52
C VAL A 85 3.37 -16.63 -2.33
N VAL A 86 2.51 -17.62 -2.54
CA VAL A 86 2.18 -18.56 -1.46
C VAL A 86 3.39 -19.40 -1.07
N SER A 87 4.25 -19.77 -2.03
CA SER A 87 5.43 -20.54 -1.67
C SER A 87 6.30 -19.76 -0.71
N PHE A 88 6.35 -18.44 -0.88
CA PHE A 88 7.12 -17.62 0.09
C PHE A 88 6.42 -17.43 1.42
N LEU A 89 5.13 -17.10 1.37
CA LEU A 89 4.41 -16.68 2.56
C LEU A 89 3.70 -17.74 3.40
N GLY A 90 3.23 -18.80 2.73
CA GLY A 90 2.56 -19.88 3.41
C GLY A 90 1.32 -19.47 4.17
N SER A 91 1.07 -20.14 5.28
CA SER A 91 -0.07 -19.82 6.11
C SER A 91 0.18 -18.54 6.90
N GLY A 92 1.46 -18.19 7.04
CA GLY A 92 1.86 -17.01 7.83
C GLY A 92 2.40 -17.42 9.19
N GLN A 93 2.26 -18.69 9.52
CA GLN A 93 2.68 -19.21 10.82
C GLN A 93 4.17 -18.98 11.10
N GLU A 94 5.02 -19.17 10.10
N GLU A 94 5.01 -19.16 10.08
CA GLU A 94 6.45 -18.98 10.28
CA GLU A 94 6.45 -18.97 10.22
C GLU A 94 6.80 -17.52 10.63
C GLU A 94 6.80 -17.53 10.61
N PHE A 95 5.93 -16.58 10.25
CA PHE A 95 6.14 -15.15 10.53
C PHE A 95 5.32 -14.63 11.70
N GLY A 96 4.62 -15.50 12.40
CA GLY A 96 3.76 -15.04 13.48
C GLY A 96 2.50 -14.30 12.98
N VAL A 97 2.09 -14.51 11.74
CA VAL A 97 0.87 -13.89 11.22
C VAL A 97 -0.06 -14.95 10.63
N SER A 98 -1.14 -14.50 10.02
CA SER A 98 -2.12 -15.39 9.47
C SER A 98 -2.59 -14.83 8.13
N PHE A 99 -2.38 -15.59 7.04
CA PHE A 99 -2.71 -15.12 5.69
C PHE A 99 -3.95 -15.74 5.08
N THR A 100 -4.63 -14.95 4.27
CA THR A 100 -5.78 -15.39 3.49
C THR A 100 -5.53 -14.80 2.11
N TYR A 101 -5.77 -15.58 1.04
CA TYR A 101 -5.47 -15.14 -0.31
C TYR A 101 -6.66 -15.06 -1.26
N ARG A 102 -6.63 -14.05 -2.12
CA ARG A 102 -7.64 -13.90 -3.17
C ARG A 102 -6.99 -13.44 -4.49
N VAL A 103 -7.57 -13.88 -5.59
CA VAL A 103 -7.08 -13.59 -6.93
C VAL A 103 -7.75 -12.39 -7.59
N GLN A 104 -6.94 -11.50 -8.15
CA GLN A 104 -7.41 -10.37 -8.92
C GLN A 104 -7.20 -10.80 -10.37
N ASP A 105 -8.30 -11.00 -11.09
CA ASP A 105 -8.26 -11.52 -12.47
C ASP A 105 -7.41 -10.71 -13.43
N LYS A 106 -7.61 -9.41 -13.44
CA LYS A 106 -6.87 -8.50 -14.32
C LYS A 106 -6.39 -7.32 -13.51
N ALA A 107 -5.33 -6.66 -13.98
CA ALA A 107 -4.76 -5.50 -13.30
C ALA A 107 -5.69 -4.28 -13.44
N GLY A 108 -6.93 -4.43 -12.96
CA GLY A 108 -7.96 -3.41 -13.10
C GLY A 108 -7.90 -2.28 -12.10
N GLY A 109 -6.85 -2.23 -11.29
CA GLY A 109 -6.68 -1.11 -10.37
C GLY A 109 -6.60 -1.46 -8.89
N ILE A 110 -5.93 -0.56 -8.17
CA ILE A 110 -5.76 -0.67 -6.75
C ILE A 110 -7.12 -0.77 -6.03
N ALA A 111 -8.06 0.08 -6.43
CA ALA A 111 -9.37 0.15 -5.83
C ALA A 111 -10.14 -1.15 -6.08
N GLN A 112 -9.98 -1.71 -7.27
CA GLN A 112 -10.59 -2.99 -7.63
C GLN A 112 -10.05 -4.13 -6.74
N ALA A 113 -8.73 -4.15 -6.57
CA ALA A 113 -8.06 -5.14 -5.74
C ALA A 113 -8.57 -5.05 -4.31
N LEU A 114 -8.68 -3.83 -3.80
CA LEU A 114 -9.16 -3.64 -2.43
C LEU A 114 -10.59 -4.14 -2.28
N GLY A 115 -11.39 -3.99 -3.33
CA GLY A 115 -12.79 -4.43 -3.30
C GLY A 115 -12.99 -5.90 -2.99
N LEU A 116 -12.00 -6.73 -3.37
CA LEU A 116 -12.06 -8.20 -3.14
C LEU A 116 -11.94 -8.55 -1.63
N CYS A 117 -11.53 -7.58 -0.82
CA CYS A 117 -11.32 -7.80 0.60
C CYS A 117 -12.53 -7.45 1.47
N GLU A 118 -13.66 -7.12 0.85
CA GLU A 118 -14.86 -6.71 1.60
C GLU A 118 -15.27 -7.69 2.71
N ASP A 119 -15.52 -8.94 2.35
CA ASP A 119 -15.97 -9.96 3.31
C ASP A 119 -14.91 -10.25 4.39
N PHE A 120 -13.65 -10.28 3.98
CA PHE A 120 -12.56 -10.50 4.91
C PHE A 120 -12.52 -9.43 6.02
N VAL A 121 -12.72 -8.17 5.65
CA VAL A 121 -12.67 -7.08 6.63
C VAL A 121 -13.94 -6.99 7.48
N GLY A 122 -15.10 -7.25 6.89
CA GLY A 122 -16.36 -7.17 7.62
C GLY A 122 -16.57 -5.75 8.14
N ASN A 123 -16.80 -5.62 9.43
CA ASN A 123 -17.02 -4.32 10.06
C ASN A 123 -15.78 -3.73 10.68
N ASP A 124 -14.63 -4.39 10.52
CA ASP A 124 -13.40 -3.90 11.12
C ASP A 124 -12.75 -2.77 10.31
N ARG A 125 -11.63 -2.26 10.83
CA ARG A 125 -10.87 -1.26 10.12
C ARG A 125 -9.71 -1.96 9.47
N MET A 126 -9.02 -1.27 8.58
CA MET A 126 -7.92 -1.89 7.86
C MET A 126 -6.77 -0.96 7.53
N VAL A 127 -5.60 -1.56 7.40
CA VAL A 127 -4.43 -0.88 6.89
C VAL A 127 -4.10 -1.55 5.56
N VAL A 128 -4.05 -0.74 4.50
CA VAL A 128 -3.74 -1.24 3.18
C VAL A 128 -2.35 -0.78 2.79
N ILE A 129 -1.48 -1.71 2.40
CA ILE A 129 -0.15 -1.36 1.94
C ILE A 129 0.08 -1.85 0.50
N LEU A 130 0.37 -0.91 -0.40
CA LEU A 130 0.72 -1.31 -1.76
C LEU A 130 2.07 -2.03 -1.62
N GLY A 131 2.14 -3.23 -2.17
CA GLY A 131 3.32 -4.08 -2.04
C GLY A 131 4.64 -3.49 -2.45
N ASP A 132 4.63 -2.54 -3.38
CA ASP A 132 5.89 -1.95 -3.84
C ASP A 132 6.29 -0.67 -3.10
N ASN A 133 5.61 -0.35 -1.99
CA ASN A 133 5.95 0.81 -1.17
C ASN A 133 6.87 0.40 -0.03
N ILE A 134 8.10 0.91 -0.06
CA ILE A 134 9.12 0.57 0.93
C ILE A 134 9.46 1.84 1.69
N PHE A 135 9.44 1.76 3.02
CA PHE A 135 9.66 2.94 3.84
C PHE A 135 10.21 2.59 5.23
N SER A 136 10.84 3.56 5.89
CA SER A 136 11.45 3.35 7.22
C SER A 136 10.54 3.54 8.44
N ASP A 137 9.54 4.40 8.36
CA ASP A 137 8.70 4.62 9.54
C ASP A 137 7.99 3.37 10.03
N ASP A 138 7.81 3.27 11.35
CA ASP A 138 6.96 2.27 11.95
C ASP A 138 5.55 2.82 11.68
N ILE A 139 4.56 1.96 11.45
N ILE A 139 4.58 1.94 11.47
CA ILE A 139 3.20 2.45 11.20
CA ILE A 139 3.21 2.36 11.19
C ILE A 139 2.37 2.59 12.47
C ILE A 139 2.38 2.57 12.45
N ARG A 140 2.81 1.97 13.56
CA ARG A 140 2.07 2.01 14.83
C ARG A 140 1.55 3.37 15.27
N PRO A 141 2.41 4.40 15.24
CA PRO A 141 1.90 5.70 15.68
C PRO A 141 0.69 6.18 14.88
N TYR A 142 0.68 5.86 13.59
CA TYR A 142 -0.41 6.25 12.71
C TYR A 142 -1.65 5.37 12.95
N VAL A 143 -1.42 4.08 13.14
CA VAL A 143 -2.51 3.16 13.42
C VAL A 143 -3.19 3.53 14.76
N GLU A 144 -2.39 3.86 15.77
CA GLU A 144 -2.92 4.27 17.07
C GLU A 144 -3.78 5.53 16.98
N GLU A 145 -3.32 6.51 16.22
CA GLU A 145 -4.13 7.73 16.02
C GLU A 145 -5.41 7.39 15.32
N PHE A 146 -5.32 6.61 14.25
CA PHE A 146 -6.49 6.23 13.51
C PHE A 146 -7.51 5.47 14.39
N THR A 147 -7.02 4.60 15.28
N THR A 147 -7.05 4.59 15.28
CA THR A 147 -7.89 3.83 16.18
CA THR A 147 -7.98 3.84 16.15
C THR A 147 -8.65 4.77 17.13
C THR A 147 -8.70 4.80 17.10
N ASN A 148 -8.10 5.97 17.33
CA ASN A 148 -8.74 7.00 18.15
C ASN A 148 -9.58 7.96 17.31
N GLN A 149 -9.69 7.70 16.01
CA GLN A 149 -10.45 8.56 15.11
C GLN A 149 -11.86 7.98 14.99
N LYS A 150 -12.87 8.80 15.27
CA LYS A 150 -14.26 8.35 15.30
C LYS A 150 -14.63 7.53 14.07
N GLU A 151 -14.33 8.06 12.90
CA GLU A 151 -14.57 7.33 11.67
C GLU A 151 -13.73 7.91 10.55
N GLY A 152 -13.83 7.31 9.37
CA GLY A 152 -13.17 7.84 8.20
C GLY A 152 -11.95 7.11 7.69
N ALA A 153 -10.95 7.91 7.32
CA ALA A 153 -9.73 7.40 6.73
C ALA A 153 -8.56 8.28 7.11
N LYS A 154 -7.38 7.78 6.79
CA LYS A 154 -6.13 8.47 7.01
C LYS A 154 -5.15 8.10 5.92
N VAL A 155 -4.44 9.11 5.42
CA VAL A 155 -3.42 8.95 4.39
C VAL A 155 -2.11 9.47 4.96
N LEU A 156 -1.00 8.92 4.47
CA LEU A 156 0.34 9.27 4.93
C LEU A 156 1.07 9.93 3.78
N LEU A 157 1.64 11.10 4.05
CA LEU A 157 2.28 11.91 3.01
C LEU A 157 3.80 11.95 3.07
N GLN A 158 4.40 12.10 1.89
CA GLN A 158 5.83 12.26 1.74
C GLN A 158 6.13 13.36 0.76
N SER A 159 6.98 14.29 1.18
N SER A 159 6.98 14.29 1.18
CA SER A 159 7.40 15.37 0.31
CA SER A 159 7.39 15.38 0.31
C SER A 159 8.41 14.74 -0.64
C SER A 159 8.44 14.80 -0.64
N VAL A 160 8.20 14.90 -1.94
CA VAL A 160 9.08 14.31 -2.96
C VAL A 160 9.53 15.28 -4.03
N ASP A 161 10.60 14.90 -4.74
CA ASP A 161 11.18 15.70 -5.80
C ASP A 161 10.39 15.63 -7.10
N ASP A 162 9.67 14.53 -7.29
CA ASP A 162 8.95 14.25 -8.52
C ASP A 162 7.49 13.91 -8.26
N PRO A 163 6.71 14.89 -7.75
CA PRO A 163 5.31 14.61 -7.38
C PRO A 163 4.40 14.21 -8.55
N GLU A 164 4.80 14.55 -9.76
CA GLU A 164 3.99 14.24 -10.95
C GLU A 164 3.72 12.74 -11.11
N ARG A 165 4.55 11.90 -10.50
CA ARG A 165 4.40 10.47 -10.58
C ARG A 165 3.36 9.90 -9.61
N PHE A 166 2.86 10.70 -8.68
CA PHE A 166 2.02 10.15 -7.63
C PHE A 166 0.71 10.89 -7.44
N GLY A 167 -0.06 10.41 -6.48
CA GLY A 167 -1.24 11.11 -6.03
C GLY A 167 -0.66 12.28 -5.24
N VAL A 168 -1.19 13.48 -5.44
CA VAL A 168 -0.65 14.69 -4.82
C VAL A 168 -1.68 15.42 -3.99
N ALA A 169 -1.32 15.73 -2.74
CA ALA A 169 -2.24 16.40 -1.83
C ALA A 169 -2.03 17.90 -1.89
N ASN A 170 -3.13 18.61 -2.11
CA ASN A 170 -3.14 20.06 -2.13
C ASN A 170 -3.44 20.48 -0.71
N ILE A 171 -2.41 20.91 0.01
CA ILE A 171 -2.54 21.32 1.40
C ILE A 171 -2.54 22.83 1.58
N GLN A 172 -3.58 23.34 2.22
CA GLN A 172 -3.67 24.76 2.54
C GLN A 172 -4.08 24.92 3.99
N ASN A 173 -3.32 25.73 4.73
CA ASN A 173 -3.58 25.98 6.15
C ASN A 173 -3.73 24.68 6.95
N ARG A 174 -2.83 23.75 6.65
N ARG A 174 -2.81 23.77 6.67
CA ARG A 174 -2.78 22.45 7.31
CA ARG A 174 -2.75 22.42 7.27
C ARG A 174 -4.03 21.59 7.09
C ARG A 174 -4.01 21.58 7.07
N LYS A 175 -4.71 21.80 5.97
CA LYS A 175 -5.91 21.01 5.60
C LYS A 175 -5.76 20.52 4.16
N ILE A 176 -6.12 19.28 3.89
CA ILE A 176 -6.10 18.78 2.51
C ILE A 176 -7.35 19.29 1.78
N ILE A 177 -7.14 20.05 0.72
CA ILE A 177 -8.23 20.63 -0.07
C ILE A 177 -8.70 19.62 -1.09
N GLU A 178 -7.75 18.95 -1.74
N GLU A 178 -7.76 18.97 -1.77
CA GLU A 178 -8.07 17.91 -2.71
CA GLU A 178 -8.08 17.92 -2.73
C GLU A 178 -6.82 17.10 -3.05
C GLU A 178 -6.83 17.09 -3.02
N ILE A 179 -7.03 15.89 -3.56
CA ILE A 179 -5.95 15.03 -3.97
C ILE A 179 -6.13 14.87 -5.48
N GLU A 180 -5.03 14.90 -6.20
CA GLU A 180 -5.06 14.75 -7.64
C GLU A 180 -4.06 13.65 -8.06
N GLU A 181 -4.52 12.71 -8.88
CA GLU A 181 -3.71 11.60 -9.31
C GLU A 181 -2.83 11.99 -10.49
N LYS A 182 -1.52 11.83 -10.30
CA LYS A 182 -0.49 12.11 -11.32
C LYS A 182 -0.73 13.39 -12.12
N PRO A 183 -0.80 14.53 -11.42
CA PRO A 183 -1.06 15.80 -12.08
C PRO A 183 0.10 16.24 -12.99
N LYS A 184 -0.25 16.79 -14.16
CA LYS A 184 0.73 17.35 -15.10
C LYS A 184 1.38 18.60 -14.48
N GLU A 185 0.59 19.29 -13.64
CA GLU A 185 1.00 20.50 -12.95
C GLU A 185 0.65 20.36 -11.47
N PRO A 186 1.53 19.70 -10.72
CA PRO A 186 1.25 19.45 -9.30
C PRO A 186 1.04 20.71 -8.48
N LYS A 187 0.06 20.70 -7.58
CA LYS A 187 -0.20 21.85 -6.70
C LYS A 187 0.86 21.91 -5.59
N SER A 188 1.50 20.79 -5.29
CA SER A 188 2.48 20.73 -4.21
C SER A 188 3.43 19.58 -4.48
N SER A 189 4.33 19.31 -3.53
CA SER A 189 5.22 18.16 -3.63
C SER A 189 4.87 17.07 -2.59
N TYR A 190 3.65 17.16 -2.04
CA TYR A 190 3.18 16.15 -1.08
C TYR A 190 2.58 14.93 -1.77
N ALA A 191 3.36 13.85 -1.88
CA ALA A 191 2.87 12.62 -2.47
C ALA A 191 2.03 11.86 -1.46
N VAL A 192 0.88 11.35 -1.89
CA VAL A 192 0.02 10.52 -1.04
C VAL A 192 0.54 9.10 -1.24
N THR A 193 1.25 8.59 -0.24
CA THR A 193 1.86 7.28 -0.32
C THR A 193 0.84 6.17 -0.37
N GLY A 194 1.33 4.97 -0.72
CA GLY A 194 0.51 3.78 -0.81
C GLY A 194 0.29 3.03 0.49
N ILE A 195 0.05 3.78 1.58
CA ILE A 195 -0.26 3.21 2.87
C ILE A 195 -1.53 3.91 3.27
N TYR A 196 -2.63 3.17 3.29
CA TYR A 196 -3.95 3.73 3.55
C TYR A 196 -4.61 3.10 4.78
N LEU A 197 -5.25 3.92 5.59
CA LEU A 197 -5.97 3.42 6.74
C LEU A 197 -7.42 3.77 6.51
N TYR A 198 -8.29 2.74 6.46
CA TYR A 198 -9.73 2.91 6.17
C TYR A 198 -10.68 2.22 7.16
N ASP A 199 -11.90 2.76 7.27
CA ASP A 199 -12.94 2.08 8.02
C ASP A 199 -13.69 1.24 6.98
N SER A 200 -14.63 0.42 7.43
CA SER A 200 -15.32 -0.50 6.53
C SER A 200 -16.25 0.17 5.50
N LYS A 201 -16.44 1.48 5.59
CA LYS A 201 -17.31 2.17 4.65
C LYS A 201 -16.72 2.26 3.26
N VAL A 202 -15.42 2.03 3.12
CA VAL A 202 -14.77 2.14 1.84
C VAL A 202 -15.38 1.20 0.79
N PHE A 203 -15.83 0.02 1.23
CA PHE A 203 -16.38 -0.97 0.31
C PHE A 203 -17.69 -0.56 -0.35
N SER A 204 -18.57 0.08 0.41
CA SER A 204 -19.83 0.55 -0.15
C SER A 204 -19.56 1.62 -1.22
N TYR A 205 -18.52 2.43 -1.03
CA TYR A 205 -18.17 3.42 -2.04
C TYR A 205 -17.46 2.79 -3.25
N ILE A 206 -16.61 1.77 -3.02
CA ILE A 206 -15.92 1.13 -4.15
C ILE A 206 -16.95 0.63 -5.17
N LYS A 207 -18.16 0.32 -4.71
CA LYS A 207 -19.24 -0.16 -5.58
C LYS A 207 -19.75 0.87 -6.60
N GLU A 208 -19.49 2.15 -6.37
N GLU A 208 -19.48 2.16 -6.35
CA GLU A 208 -19.93 3.20 -7.30
CA GLU A 208 -19.87 3.26 -7.26
C GLU A 208 -18.78 3.47 -8.29
C GLU A 208 -18.73 3.47 -8.27
N LEU A 209 -18.50 2.45 -9.10
CA LEU A 209 -17.42 2.40 -10.12
C LEU A 209 -17.26 3.47 -11.22
N LYS A 210 -15.99 3.75 -11.53
CA LYS A 210 -15.59 4.65 -12.60
C LYS A 210 -14.14 4.37 -13.08
N PRO A 211 -13.99 3.61 -14.18
CA PRO A 211 -12.64 3.42 -14.68
C PRO A 211 -12.14 4.77 -15.24
N SER A 212 -10.95 5.19 -14.80
CA SER A 212 -10.37 6.47 -15.24
C SER A 212 -9.96 6.45 -16.72
N ALA A 213 -9.25 7.49 -17.15
CA ALA A 213 -8.76 7.60 -18.54
C ALA A 213 -7.83 6.45 -18.94
N ARG A 214 -7.18 5.82 -17.96
CA ARG A 214 -6.26 4.68 -18.21
C ARG A 214 -6.89 3.29 -17.94
N GLY A 215 -8.20 3.25 -17.65
CA GLY A 215 -8.91 1.99 -17.41
C GLY A 215 -8.76 1.40 -16.02
N GLU A 216 -8.78 2.25 -14.99
CA GLU A 216 -8.65 1.78 -13.61
C GLU A 216 -9.56 2.49 -12.60
N LEU A 217 -9.89 1.76 -11.55
CA LEU A 217 -10.66 2.27 -10.42
C LEU A 217 -9.59 2.93 -9.58
N GLU A 218 -9.69 4.26 -9.38
CA GLU A 218 -8.61 5.01 -8.70
C GLU A 218 -8.71 5.17 -7.18
N ILE A 219 -7.64 4.84 -6.46
CA ILE A 219 -7.61 4.98 -5.01
C ILE A 219 -7.76 6.46 -4.62
N THR A 220 -7.27 7.36 -5.47
CA THR A 220 -7.40 8.80 -5.20
C THR A 220 -8.91 9.21 -5.10
N ASP A 221 -9.75 8.61 -5.94
CA ASP A 221 -11.20 8.89 -5.89
C ASP A 221 -11.79 8.52 -4.52
N ILE A 222 -11.34 7.40 -3.98
CA ILE A 222 -11.77 6.94 -2.67
C ILE A 222 -11.31 7.93 -1.60
N ASN A 223 -10.04 8.33 -1.67
CA ASN A 223 -9.52 9.29 -0.70
C ASN A 223 -10.27 10.63 -0.76
N ASN A 224 -10.61 11.08 -1.97
CA ASN A 224 -11.39 12.32 -2.12
C ASN A 224 -12.83 12.19 -1.59
N TRP A 225 -13.43 10.99 -1.70
CA TRP A 225 -14.79 10.73 -1.19
C TRP A 225 -14.78 10.92 0.32
N TYR A 226 -13.83 10.29 1.01
CA TYR A 226 -13.69 10.49 2.45
C TYR A 226 -13.40 11.96 2.80
N LEU A 227 -12.60 12.61 1.96
CA LEU A 227 -12.23 14.02 2.16
C LEU A 227 -13.47 14.93 2.10
N LYS A 228 -14.27 14.80 1.05
CA LYS A 228 -15.51 15.58 0.91
C LYS A 228 -16.46 15.32 2.08
N ARG A 229 -16.40 14.13 2.66
CA ARG A 229 -17.25 13.82 3.80
C ARG A 229 -16.68 14.43 5.09
N GLY A 230 -15.49 15.03 5.01
CA GLY A 230 -14.88 15.68 6.16
C GLY A 230 -14.33 14.74 7.21
N VAL A 231 -14.06 13.49 6.84
CA VAL A 231 -13.55 12.50 7.79
C VAL A 231 -12.17 11.89 7.39
N LEU A 232 -11.47 12.57 6.50
CA LEU A 232 -10.12 12.16 6.08
C LEU A 232 -9.08 12.95 6.89
N THR A 233 -8.11 12.26 7.51
CA THR A 233 -7.01 12.91 8.22
C THR A 233 -5.73 12.54 7.53
N TYR A 234 -4.65 13.25 7.84
CA TYR A 234 -3.36 12.91 7.29
C TYR A 234 -2.23 13.15 8.25
N ASN A 235 -1.11 12.49 7.96
CA ASN A 235 0.12 12.67 8.70
C ASN A 235 1.27 12.69 7.71
N GLU A 236 2.26 13.53 8.00
CA GLU A 236 3.45 13.57 7.19
C GLU A 236 4.40 12.57 7.80
N MET A 237 4.97 11.72 6.97
CA MET A 237 5.91 10.70 7.42
C MET A 237 7.24 11.32 7.75
N SER A 238 8.00 10.68 8.63
N SER A 238 8.01 10.61 8.56
CA SER A 238 9.28 11.22 9.12
CA SER A 238 9.37 10.98 8.84
C SER A 238 10.58 10.74 8.46
C SER A 238 10.20 10.02 7.96
N GLY A 239 10.63 9.46 8.08
N GLY A 239 11.48 9.90 8.24
CA GLY A 239 11.84 8.91 7.47
CA GLY A 239 12.32 8.99 7.49
C GLY A 239 11.75 8.82 5.96
C GLY A 239 12.13 8.99 5.99
N TRP A 240 12.48 7.86 5.37
CA TRP A 240 12.45 7.72 3.94
C TRP A 240 11.33 6.82 3.44
N TRP A 241 11.04 7.01 2.16
CA TRP A 241 9.99 6.28 1.47
C TRP A 241 10.29 6.24 -0.01
N THR A 242 9.99 5.10 -0.62
CA THR A 242 10.14 4.99 -2.04
C THR A 242 9.22 3.93 -2.59
N ASP A 243 8.80 4.13 -3.84
N ASP A 243 8.88 4.11 -3.86
CA ASP A 243 8.09 3.09 -4.51
CA ASP A 243 8.05 3.22 -4.63
C ASP A 243 9.21 2.21 -5.05
C ASP A 243 9.06 2.35 -5.40
N ALA A 244 8.85 1.04 -5.51
CA ALA A 244 9.85 0.15 -6.12
C ALA A 244 9.39 -0.42 -7.44
N GLY A 245 8.62 0.37 -8.19
CA GLY A 245 8.01 -0.06 -9.46
C GLY A 245 8.71 0.31 -10.76
N THR A 246 9.87 0.96 -10.66
CA THR A 246 10.68 1.33 -11.83
C THR A 246 12.09 0.82 -11.55
N HIS A 247 12.89 0.61 -12.58
CA HIS A 247 14.25 0.14 -12.35
C HIS A 247 15.04 1.01 -11.40
N VAL A 248 15.03 2.32 -11.62
N VAL A 248 15.03 2.32 -11.62
CA VAL A 248 15.77 3.24 -10.76
CA VAL A 248 15.77 3.25 -10.77
C VAL A 248 15.26 3.23 -9.32
C VAL A 248 15.26 3.26 -9.32
N SER A 249 13.94 3.21 -9.14
CA SER A 249 13.37 3.24 -7.78
C SER A 249 13.52 1.88 -7.08
N LEU A 250 13.50 0.79 -7.84
CA LEU A 250 13.75 -0.54 -7.27
C LEU A 250 15.19 -0.60 -6.75
N GLN A 251 16.11 -0.10 -7.55
CA GLN A 251 17.52 -0.05 -7.13
C GLN A 251 17.72 0.83 -5.91
N ARG A 252 16.99 1.95 -5.87
N ARG A 252 16.99 1.95 -5.87
CA ARG A 252 17.06 2.87 -4.74
CA ARG A 252 17.06 2.88 -4.74
C ARG A 252 16.57 2.17 -3.48
C ARG A 252 16.55 2.20 -3.47
N ALA A 253 15.43 1.49 -3.59
CA ALA A 253 14.85 0.77 -2.45
C ALA A 253 15.86 -0.26 -1.95
N ASN A 254 16.52 -0.97 -2.88
CA ASN A 254 17.55 -1.92 -2.48
C ASN A 254 18.68 -1.28 -1.67
N ALA A 255 19.17 -0.14 -2.13
CA ALA A 255 20.25 0.55 -1.43
C ALA A 255 19.77 1.00 -0.05
N LEU A 256 18.59 1.61 0.00
CA LEU A 256 18.02 2.08 1.26
C LEU A 256 17.76 0.97 2.27
N ALA A 257 17.50 -0.24 1.75
CA ALA A 257 17.12 -1.38 2.57
C ALA A 257 18.24 -2.26 3.07
N ARG A 258 19.49 -1.93 2.74
CA ARG A 258 20.63 -2.82 3.04
C ARG A 258 20.70 -3.35 4.48
N ASP A 259 20.50 -2.50 5.46
CA ASP A 259 20.65 -2.92 6.86
C ASP A 259 19.37 -3.34 7.54
N ILE A 260 18.29 -3.47 6.78
CA ILE A 260 17.03 -3.90 7.37
C ILE A 260 17.13 -5.39 7.70
N ASN A 261 16.86 -5.71 8.97
CA ASN A 261 16.93 -7.06 9.50
C ASN A 261 15.61 -7.44 10.17
N PHE A 262 15.00 -8.53 9.74
CA PHE A 262 13.73 -8.95 10.31
C PHE A 262 13.87 -10.09 11.31
N GLY A 263 15.08 -10.47 11.65
CA GLY A 263 15.26 -11.54 12.63
C GLY A 263 15.07 -12.92 12.03
N LYS A 264 15.26 -13.93 12.87
CA LYS A 264 15.25 -15.32 12.43
C LYS A 264 13.92 -15.86 11.92
N GLN A 265 12.79 -15.25 12.27
CA GLN A 265 11.51 -15.73 11.73
C GLN A 265 11.42 -15.54 10.21
N PHE A 266 12.06 -14.50 9.70
CA PHE A 266 12.05 -14.18 8.27
C PHE A 266 13.31 -14.66 7.55
N ASN A 267 14.23 -15.25 8.30
CA ASN A 267 15.52 -15.78 7.80
C ASN A 267 16.42 -14.75 7.12
O6 DAU B . 3.31 4.46 -4.88
C6 DAU B . 2.38 5.45 -4.44
C5 DAU B . 1.35 5.69 -5.54
O5 DAU B . 0.76 4.43 -5.86
C4 DAU B . 0.29 6.70 -5.11
O4 DAU B . 0.86 7.98 -4.89
C3 DAU B . -0.83 6.85 -6.15
O3 DAU B . -1.84 7.73 -5.62
C2 DAU B . -1.38 5.46 -6.45
O2 DAU B . -2.37 5.52 -7.50
C1 DAU B . -0.28 4.49 -6.84
O1 DAU B . 0.26 4.89 -8.10
P2 DAU B . 1.04 3.83 -9.03
O3P DAU B . 2.43 3.56 -8.50
O4P DAU B . 0.84 4.29 -10.45
OPP DAU B . 0.19 2.47 -8.78
P DAU B . 0.57 1.08 -9.49
O1P DAU B . 2.07 1.02 -9.67
O2P DAU B . -0.33 0.89 -10.64
O5' DAU B . 0.21 0.00 -8.34
C5' DAU B . 1.00 -0.07 -7.18
C4' DAU B . 0.83 -1.37 -6.38
O4' DAU B . -0.53 -1.80 -6.26
C3' DAU B . 1.63 -2.53 -6.95
O3' DAU B . 2.43 -3.00 -5.86
C2' DAU B . 0.62 -3.56 -7.38
C1' DAU B . -0.66 -3.15 -6.67
N11 DAU B . -1.87 -3.11 -7.52
C61 DAU B . -1.87 -2.28 -8.66
C51 DAU B . -2.82 -2.46 -9.66
C5A DAU B . -2.87 -1.50 -10.83
C21 DAU B . -2.72 -4.25 -7.51
O21 DAU B . -2.66 -5.07 -6.46
N31 DAU B . -3.66 -4.45 -8.47
C41 DAU B . -3.74 -3.61 -9.54
O41 DAU B . -4.67 -3.83 -10.49
P1 POP C . 3.26 -2.15 -13.95
O1 POP C . 2.51 -2.51 -15.20
O2 POP C . 4.75 -2.17 -14.19
O3 POP C . 2.84 -0.76 -13.54
O POP C . 2.90 -3.22 -12.79
P2 POP C . 2.43 -2.78 -11.31
O4 POP C . 3.39 -1.74 -10.77
O5 POP C . 2.46 -3.99 -10.39
O6 POP C . 1.03 -2.18 -11.32
#